data_4YQD
#
_entry.id   4YQD
#
_cell.length_a   94.376
_cell.length_b   94.376
_cell.length_c   177.996
_cell.angle_alpha   90.000
_cell.angle_beta   90.000
_cell.angle_gamma   120.000
#
_symmetry.space_group_name_H-M   'H 3 2'
#
loop_
_entity.id
_entity.type
_entity.pdbx_description
1 polymer 'tRNA (guanine-N(1)-)-methyltransferase'
2 non-polymer 6-{[(1-{2-[(3-methylbenzoyl)amino]ethyl}cyclohexyl)methyl]amino}pyridine-3-carboxamide
3 water water
#
_entity_poly.entity_id   1
_entity_poly.type   'polypeptide(L)'
_entity_poly.pdbx_seq_one_letter_code
;MGSSHHHHHHSSGLVPRGSHMWIGVISLFPEMFKAITEFGVTGRAVKHNLLKVECWNPRDFTFDKHKTVDDRPYGGGPGM
LMMVQPLRDAIHTAKAAAGEGAKVIYLSPQGRKLDQGGVTELAQNQKLILVCGRYEGIDERLIQTEIDEEWSIGDYVLTG
GELPAMTLIDAVARFIPGVLGKQASAEEDSFADGLLDCPHYTRPEVLEGLTVPPVLMSGHHEEIRKWRLKQSLQRTWLRR
PELLEGLALTDEQRKLLKEAQAEHNS
;
_entity_poly.pdbx_strand_id   A
#
loop_
_chem_comp.id
_chem_comp.type
_chem_comp.name
_chem_comp.formula
4GZ non-polymer 6-{[(1-{2-[(3-methylbenzoyl)amino]ethyl}cyclohexyl)methyl]amino}pyridine-3-carboxamide 'C23 H30 N4 O2'
#
# COMPACT_ATOMS: atom_id res chain seq x y z
N GLY A 18 4.35 10.45 18.20
CA GLY A 18 2.98 10.13 18.57
C GLY A 18 2.62 8.68 18.24
N SER A 19 1.55 8.50 17.48
CA SER A 19 1.10 7.17 17.07
C SER A 19 2.08 6.49 16.11
N HIS A 20 3.34 6.39 16.53
CA HIS A 20 4.40 5.79 15.73
CA HIS A 20 4.36 5.82 15.68
C HIS A 20 4.09 4.32 15.42
N MET A 21 4.69 3.81 14.35
CA MET A 21 4.36 2.46 13.91
C MET A 21 5.60 1.61 13.81
N TRP A 22 5.47 0.34 14.19
CA TRP A 22 6.56 -0.62 14.07
C TRP A 22 6.14 -1.70 13.09
N ILE A 23 6.98 -1.95 12.10
CA ILE A 23 6.68 -3.00 11.14
C ILE A 23 7.85 -3.97 11.08
N GLY A 24 7.57 -5.22 11.42
CA GLY A 24 8.54 -6.28 11.28
C GLY A 24 8.38 -6.87 9.89
N VAL A 25 9.50 -7.27 9.28
CA VAL A 25 9.48 -7.84 7.94
C VAL A 25 10.27 -9.14 7.92
N ILE A 26 9.73 -10.19 7.29
CA ILE A 26 10.45 -11.44 7.08
C ILE A 26 10.75 -11.51 5.59
N SER A 27 12.03 -11.53 5.24
CA SER A 27 12.43 -11.46 3.83
C SER A 27 13.82 -12.03 3.61
N LEU A 28 13.98 -12.76 2.51
CA LEU A 28 15.29 -13.23 2.04
C LEU A 28 16.15 -12.09 1.46
N PHE A 29 15.53 -10.95 1.19
CA PHE A 29 16.23 -9.79 0.62
C PHE A 29 15.95 -8.50 1.40
N PRO A 30 16.37 -8.46 2.67
CA PRO A 30 16.09 -7.28 3.51
C PRO A 30 16.64 -5.97 2.94
N GLU A 31 17.71 -6.02 2.15
CA GLU A 31 18.27 -4.79 1.61
C GLU A 31 17.33 -4.10 0.62
N MET A 32 16.35 -4.84 0.10
CA MET A 32 15.35 -4.21 -0.77
C MET A 32 14.61 -3.08 -0.04
N PHE A 33 14.43 -3.25 1.26
CA PHE A 33 13.67 -2.29 2.05
C PHE A 33 14.35 -0.93 2.23
N LYS A 34 15.63 -0.85 1.90
CA LYS A 34 16.30 0.44 1.83
C LYS A 34 15.54 1.40 0.92
N ALA A 35 14.86 0.86 -0.10
CA ALA A 35 14.14 1.72 -1.05
C ALA A 35 13.12 2.60 -0.32
N ILE A 36 12.52 2.07 0.75
CA ILE A 36 11.61 2.90 1.54
C ILE A 36 12.21 3.52 2.81
N THR A 37 13.20 2.86 3.42
CA THR A 37 13.77 3.38 4.67
C THR A 37 14.81 4.49 4.48
N GLU A 38 15.35 4.63 3.28
CA GLU A 38 16.43 5.59 3.05
C GLU A 38 16.08 6.79 2.17
N PHE A 39 14.86 6.82 1.63
CA PHE A 39 14.51 7.84 0.63
C PHE A 39 13.13 8.45 0.83
N GLY A 40 13.03 9.73 0.52
CA GLY A 40 11.74 10.41 0.48
C GLY A 40 11.06 10.55 1.82
N VAL A 41 9.75 10.72 1.75
CA VAL A 41 8.89 10.88 2.91
C VAL A 41 9.02 9.73 3.90
N THR A 42 9.04 8.50 3.39
CA THR A 42 9.17 7.33 4.27
C THR A 42 10.56 7.27 4.92
N GLY A 43 11.59 7.64 4.16
CA GLY A 43 12.93 7.72 4.71
C GLY A 43 13.02 8.70 5.87
N ARG A 44 12.39 9.87 5.72
CA ARG A 44 12.33 10.84 6.80
C ARG A 44 11.56 10.28 8.00
N ALA A 45 10.47 9.57 7.72
CA ALA A 45 9.67 8.96 8.81
C ALA A 45 10.51 8.00 9.64
N VAL A 46 11.38 7.24 8.97
CA VAL A 46 12.26 6.30 9.66
C VAL A 46 13.34 7.06 10.45
N LYS A 47 13.98 8.03 9.81
CA LYS A 47 14.99 8.84 10.48
C LYS A 47 14.45 9.54 11.73
N HIS A 48 13.22 10.03 11.65
CA HIS A 48 12.61 10.77 12.75
C HIS A 48 11.90 9.86 13.77
N ASN A 49 12.07 8.55 13.62
CA ASN A 49 11.51 7.56 14.56
C ASN A 49 9.98 7.51 14.60
N LEU A 50 9.34 7.92 13.50
CA LEU A 50 7.89 7.85 13.37
C LEU A 50 7.52 6.45 12.88
N LEU A 51 8.43 5.86 12.12
CA LEU A 51 8.23 4.54 11.54
C LEU A 51 9.49 3.74 11.80
N LYS A 52 9.34 2.50 12.24
CA LYS A 52 10.48 1.62 12.39
C LYS A 52 10.22 0.37 11.59
N VAL A 53 11.17 -0.02 10.74
CA VAL A 53 11.07 -1.24 9.96
C VAL A 53 12.20 -2.16 10.39
N GLU A 54 11.87 -3.33 10.88
CA GLU A 54 12.89 -4.26 11.37
C GLU A 54 12.80 -5.54 10.57
N CYS A 55 13.94 -6.04 10.07
CA CYS A 55 13.92 -7.20 9.18
C CYS A 55 14.57 -8.45 9.77
N TRP A 56 13.96 -9.60 9.49
CA TRP A 56 14.57 -10.89 9.80
C TRP A 56 14.65 -11.68 8.51
N ASN A 57 15.80 -12.31 8.27
CA ASN A 57 16.06 -13.05 7.05
C ASN A 57 16.10 -14.54 7.38
N PRO A 58 15.20 -15.34 6.78
CA PRO A 58 15.20 -16.78 7.02
C PRO A 58 16.57 -17.43 6.80
N ARG A 59 17.41 -16.87 5.94
CA ARG A 59 18.73 -17.43 5.70
CA ARG A 59 18.74 -17.41 5.70
C ARG A 59 19.55 -17.46 6.99
N ASP A 60 19.30 -16.50 7.88
CA ASP A 60 20.02 -16.44 9.16
C ASP A 60 19.60 -17.54 10.14
N PHE A 61 18.49 -18.20 9.82
CA PHE A 61 17.92 -19.24 10.69
C PHE A 61 18.17 -20.64 10.15
N THR A 62 19.01 -20.73 9.12
CA THR A 62 19.39 -22.04 8.57
C THR A 62 20.54 -22.64 9.36
N PHE A 63 20.72 -23.95 9.25
CA PHE A 63 21.82 -24.61 9.95
C PHE A 63 22.72 -25.46 9.06
N ASP A 64 22.31 -25.70 7.82
CA ASP A 64 23.15 -26.50 6.92
C ASP A 64 24.24 -25.63 6.31
N LYS A 65 25.31 -26.26 5.82
CA LYS A 65 26.46 -25.55 5.28
C LYS A 65 26.08 -24.54 4.18
N HIS A 66 25.13 -24.90 3.34
CA HIS A 66 24.81 -24.04 2.21
C HIS A 66 23.62 -23.12 2.44
N LYS A 67 23.17 -23.03 3.69
CA LYS A 67 22.14 -22.07 4.11
C LYS A 67 20.89 -22.13 3.22
N THR A 68 20.35 -23.33 3.13
CA THR A 68 19.27 -23.64 2.20
C THR A 68 17.95 -23.07 2.70
N VAL A 69 17.29 -22.30 1.83
CA VAL A 69 16.05 -21.66 2.23
C VAL A 69 14.85 -22.07 1.38
N ASP A 70 15.08 -22.96 0.41
CA ASP A 70 13.98 -23.48 -0.39
C ASP A 70 13.84 -24.98 -0.20
N ASP A 71 12.73 -25.54 -0.67
CA ASP A 71 12.48 -26.98 -0.50
C ASP A 71 11.50 -27.43 -1.59
N ARG A 72 11.46 -28.72 -1.85
CA ARG A 72 10.68 -29.28 -2.95
C ARG A 72 9.22 -29.44 -2.56
N PRO A 73 8.31 -29.19 -3.50
CA PRO A 73 6.88 -29.31 -3.19
C PRO A 73 6.43 -30.76 -3.17
N TYR A 74 5.66 -31.15 -2.17
CA TYR A 74 4.98 -32.44 -2.24
C TYR A 74 4.03 -32.45 -3.44
N GLY A 75 3.99 -33.57 -4.15
CA GLY A 75 3.13 -33.71 -5.31
C GLY A 75 3.85 -33.39 -6.59
N GLY A 76 5.09 -32.92 -6.47
CA GLY A 76 5.89 -32.60 -7.63
C GLY A 76 5.43 -31.34 -8.31
N GLY A 77 5.73 -31.23 -9.61
CA GLY A 77 5.49 -30.00 -10.33
C GLY A 77 6.78 -29.20 -10.32
N PRO A 78 6.88 -28.19 -11.19
CA PRO A 78 8.14 -27.45 -11.19
C PRO A 78 8.14 -26.44 -10.06
N GLY A 79 9.28 -25.84 -9.82
CA GLY A 79 9.37 -24.79 -8.82
C GLY A 79 9.66 -25.31 -7.43
N MET A 80 10.01 -24.39 -6.55
CA MET A 80 10.32 -24.71 -5.18
C MET A 80 9.45 -23.88 -4.26
N LEU A 81 9.45 -24.22 -2.99
CA LEU A 81 8.73 -23.44 -1.99
C LEU A 81 9.73 -22.95 -0.98
N MET A 82 9.31 -21.98 -0.18
CA MET A 82 10.14 -21.60 0.94
CA MET A 82 10.10 -21.57 0.99
C MET A 82 10.25 -22.78 1.91
N MET A 83 11.47 -23.02 2.38
CA MET A 83 11.70 -24.09 3.35
C MET A 83 10.99 -23.73 4.66
N VAL A 84 10.30 -24.69 5.24
CA VAL A 84 9.51 -24.41 6.44
C VAL A 84 10.34 -23.97 7.67
N GLN A 85 11.34 -24.75 8.05
CA GLN A 85 12.03 -24.49 9.31
C GLN A 85 12.67 -23.07 9.43
N PRO A 86 13.46 -22.64 8.42
CA PRO A 86 14.05 -21.31 8.55
C PRO A 86 13.01 -20.20 8.55
N LEU A 87 11.96 -20.36 7.76
CA LEU A 87 10.91 -19.36 7.68
C LEU A 87 10.09 -19.30 8.97
N ARG A 88 9.72 -20.47 9.48
CA ARG A 88 9.00 -20.57 10.75
C ARG A 88 9.81 -19.95 11.90
N ASP A 89 11.10 -20.27 11.96
CA ASP A 89 11.92 -19.76 13.05
C ASP A 89 12.06 -18.23 12.95
N ALA A 90 12.18 -17.72 11.74
CA ALA A 90 12.25 -16.27 11.52
C ALA A 90 10.95 -15.61 11.98
N ILE A 91 9.81 -16.18 11.61
CA ILE A 91 8.52 -15.64 12.05
C ILE A 91 8.40 -15.64 13.59
N HIS A 92 8.78 -16.74 14.22
CA HIS A 92 8.68 -16.81 15.68
C HIS A 92 9.55 -15.76 16.35
N THR A 93 10.72 -15.50 15.78
CA THR A 93 11.65 -14.51 16.35
C THR A 93 11.07 -13.11 16.23
N ALA A 94 10.48 -12.82 15.07
CA ALA A 94 9.82 -11.53 14.86
C ALA A 94 8.65 -11.33 15.81
N LYS A 95 7.84 -12.37 16.00
CA LYS A 95 6.70 -12.30 16.93
C LYS A 95 7.15 -12.03 18.36
N ALA A 96 8.22 -12.69 18.77
CA ALA A 96 8.73 -12.50 20.13
C ALA A 96 9.21 -11.06 20.34
N ALA A 97 9.84 -10.50 19.31
CA ALA A 97 10.34 -9.13 19.39
C ALA A 97 9.20 -8.11 19.38
N ALA A 98 8.15 -8.40 18.63
CA ALA A 98 7.02 -7.49 18.51
C ALA A 98 6.28 -7.35 19.82
N GLY A 99 6.32 -8.41 20.63
CA GLY A 99 5.56 -8.42 21.87
C GLY A 99 4.11 -8.71 21.53
N GLU A 100 3.19 -8.25 22.37
CA GLU A 100 1.80 -8.57 22.17
C GLU A 100 1.07 -7.57 21.27
N GLY A 101 0.14 -8.08 20.47
CA GLY A 101 -0.67 -7.24 19.61
C GLY A 101 -0.23 -7.10 18.15
N ALA A 102 0.86 -7.77 17.77
CA ALA A 102 1.31 -7.66 16.39
C ALA A 102 0.51 -8.56 15.45
N LYS A 103 -0.06 -7.95 14.41
CA LYS A 103 -0.81 -8.66 13.40
C LYS A 103 0.14 -9.17 12.31
N VAL A 104 0.11 -10.48 12.05
CA VAL A 104 0.99 -11.07 11.05
C VAL A 104 0.29 -11.18 9.69
N ILE A 105 0.88 -10.57 8.67
CA ILE A 105 0.28 -10.48 7.34
C ILE A 105 1.09 -11.23 6.29
N TYR A 106 0.41 -12.01 5.47
CA TYR A 106 1.02 -12.71 4.34
C TYR A 106 0.60 -12.05 3.04
N LEU A 107 1.56 -11.64 2.23
CA LEU A 107 1.27 -10.95 0.97
C LEU A 107 1.25 -11.94 -0.19
N SER A 108 0.13 -12.04 -0.88
CA SER A 108 0.03 -12.91 -2.05
C SER A 108 -1.19 -12.56 -2.88
N PRO A 109 -1.24 -13.03 -4.14
CA PRO A 109 -2.44 -12.80 -4.95
C PRO A 109 -3.72 -13.46 -4.41
N GLN A 110 -3.58 -14.36 -3.44
CA GLN A 110 -4.72 -15.08 -2.89
C GLN A 110 -5.37 -14.30 -1.75
N GLY A 111 -4.79 -13.15 -1.41
CA GLY A 111 -5.25 -12.37 -0.27
C GLY A 111 -6.34 -11.36 -0.59
N ARG A 112 -6.86 -10.75 0.48
CA ARG A 112 -7.84 -9.67 0.33
C ARG A 112 -7.23 -8.52 -0.48
N LYS A 113 -7.95 -8.05 -1.50
CA LYS A 113 -7.41 -6.99 -2.36
C LYS A 113 -7.27 -5.67 -1.61
N LEU A 114 -6.06 -5.12 -1.59
CA LEU A 114 -5.81 -3.84 -0.93
C LEU A 114 -6.47 -2.67 -1.68
N ASP A 115 -7.18 -1.82 -0.94
CA ASP A 115 -7.61 -0.52 -1.45
C ASP A 115 -7.44 0.48 -0.31
N GLN A 116 -7.80 1.74 -0.53
CA GLN A 116 -7.49 2.78 0.44
C GLN A 116 -8.22 2.53 1.76
N GLY A 117 -9.41 1.92 1.68
CA GLY A 117 -10.14 1.60 2.88
C GLY A 117 -9.38 0.55 3.67
N GLY A 118 -8.86 -0.45 2.95
CA GLY A 118 -8.04 -1.46 3.56
C GLY A 118 -6.77 -0.89 4.18
N VAL A 119 -6.16 0.08 3.49
CA VAL A 119 -4.98 0.73 4.04
C VAL A 119 -5.29 1.40 5.38
N THR A 120 -6.43 2.10 5.44
CA THR A 120 -6.81 2.79 6.67
C THR A 120 -7.09 1.81 7.80
N GLU A 121 -7.65 0.64 7.47
CA GLU A 121 -7.85 -0.42 8.46
C GLU A 121 -6.52 -0.93 9.01
N LEU A 122 -5.59 -1.23 8.11
CA LEU A 122 -4.27 -1.72 8.51
C LEU A 122 -3.50 -0.68 9.31
N ALA A 123 -3.69 0.59 8.98
CA ALA A 123 -2.99 1.68 9.67
C ALA A 123 -3.42 1.83 11.13
N GLN A 124 -4.51 1.19 11.52
CA GLN A 124 -4.97 1.23 12.91
C GLN A 124 -4.04 0.43 13.82
N ASN A 125 -3.25 -0.47 13.22
CA ASN A 125 -2.34 -1.31 13.97
C ASN A 125 -1.05 -0.59 14.32
N GLN A 126 -0.63 -0.75 15.56
CA GLN A 126 0.59 -0.13 16.05
C GLN A 126 1.78 -0.98 15.64
N LYS A 127 1.54 -2.28 15.49
CA LYS A 127 2.57 -3.24 15.08
C LYS A 127 2.04 -4.18 14.00
N LEU A 128 2.84 -4.39 12.96
CA LEU A 128 2.53 -5.38 11.93
C LEU A 128 3.78 -6.20 11.68
N ILE A 129 3.59 -7.46 11.31
CA ILE A 129 4.68 -8.28 10.79
C ILE A 129 4.32 -8.71 9.38
N LEU A 130 5.17 -8.39 8.41
CA LEU A 130 4.89 -8.72 7.01
C LEU A 130 5.75 -9.89 6.54
N VAL A 131 5.10 -10.97 6.11
CA VAL A 131 5.83 -12.15 5.64
C VAL A 131 5.96 -12.11 4.12
N CYS A 132 7.20 -12.03 3.64
CA CYS A 132 7.47 -11.89 2.20
C CYS A 132 8.02 -13.19 1.66
N GLY A 133 7.23 -13.86 0.82
CA GLY A 133 7.67 -15.09 0.20
C GLY A 133 8.47 -14.91 -1.07
N ARG A 134 9.28 -15.91 -1.38
CA ARG A 134 9.93 -16.04 -2.67
C ARG A 134 9.60 -17.43 -3.22
N TYR A 135 10.14 -17.73 -4.42
CA TYR A 135 9.84 -18.99 -5.09
C TYR A 135 8.34 -19.12 -5.38
N GLU A 136 7.79 -20.33 -5.25
CA GLU A 136 6.41 -20.56 -5.69
C GLU A 136 5.41 -20.39 -4.57
N GLY A 137 5.89 -20.15 -3.35
CA GLY A 137 4.99 -19.93 -2.24
C GLY A 137 5.49 -20.48 -0.92
N ILE A 138 4.60 -20.52 0.06
CA ILE A 138 4.95 -21.05 1.37
C ILE A 138 3.96 -22.14 1.74
N ASP A 139 4.37 -22.98 2.67
CA ASP A 139 3.55 -24.11 3.09
C ASP A 139 2.21 -23.66 3.66
N GLU A 140 1.13 -24.24 3.15
CA GLU A 140 -0.23 -23.90 3.55
C GLU A 140 -0.44 -23.99 5.06
N ARG A 141 0.22 -24.94 5.71
CA ARG A 141 0.08 -25.09 7.16
C ARG A 141 0.71 -23.93 7.94
N LEU A 142 1.73 -23.29 7.37
CA LEU A 142 2.27 -22.07 7.97
C LEU A 142 1.26 -20.92 7.88
N ILE A 143 0.55 -20.84 6.75
CA ILE A 143 -0.48 -19.85 6.60
C ILE A 143 -1.57 -20.07 7.66
N GLN A 144 -1.96 -21.33 7.86
CA GLN A 144 -2.94 -21.65 8.89
C GLN A 144 -2.49 -21.30 10.31
N THR A 145 -1.24 -21.63 10.64
CA THR A 145 -0.79 -21.53 12.02
C THR A 145 -0.10 -20.22 12.40
N GLU A 146 0.48 -19.52 11.43
CA GLU A 146 1.26 -18.32 11.74
C GLU A 146 0.66 -17.01 11.25
N ILE A 147 -0.19 -17.08 10.23
CA ILE A 147 -0.68 -15.86 9.58
C ILE A 147 -2.04 -15.45 10.11
N ASP A 148 -2.19 -14.16 10.43
CA ASP A 148 -3.47 -13.62 10.87
C ASP A 148 -4.34 -13.19 9.69
N GLU A 149 -3.74 -12.47 8.73
CA GLU A 149 -4.48 -11.97 7.58
C GLU A 149 -3.70 -12.10 6.29
N GLU A 150 -4.42 -12.41 5.22
CA GLU A 150 -3.82 -12.50 3.89
CA GLU A 150 -3.82 -12.50 3.89
C GLU A 150 -4.28 -11.32 3.05
N TRP A 151 -3.32 -10.62 2.44
CA TRP A 151 -3.59 -9.43 1.64
C TRP A 151 -2.87 -9.46 0.29
N SER A 152 -3.51 -8.90 -0.72
CA SER A 152 -2.95 -8.75 -2.07
C SER A 152 -2.88 -7.27 -2.41
N ILE A 153 -1.82 -6.84 -3.09
CA ILE A 153 -1.79 -5.45 -3.55
C ILE A 153 -2.44 -5.26 -4.92
N GLY A 154 -2.87 -6.36 -5.54
CA GLY A 154 -3.54 -6.29 -6.83
C GLY A 154 -3.52 -7.62 -7.55
N ASP A 155 -4.35 -7.73 -8.59
CA ASP A 155 -4.51 -8.99 -9.31
C ASP A 155 -3.43 -9.21 -10.36
N TYR A 156 -2.21 -9.39 -9.89
CA TYR A 156 -1.07 -9.66 -10.78
C TYR A 156 -0.02 -10.41 -9.97
N VAL A 157 0.89 -11.09 -10.68
CA VAL A 157 1.86 -11.96 -10.05
C VAL A 157 3.26 -11.36 -10.14
N LEU A 158 3.95 -11.32 -9.00
CA LEU A 158 5.30 -10.78 -8.92
C LEU A 158 6.30 -11.86 -8.52
N THR A 159 7.59 -11.53 -8.53
CA THR A 159 8.62 -12.50 -8.20
C THR A 159 8.80 -12.72 -6.70
N GLY A 160 8.19 -11.88 -5.88
CA GLY A 160 8.31 -12.01 -4.44
C GLY A 160 7.36 -11.09 -3.71
N GLY A 161 7.20 -11.33 -2.41
CA GLY A 161 6.32 -10.51 -1.61
C GLY A 161 6.91 -9.19 -1.14
N GLU A 162 8.19 -8.93 -1.44
CA GLU A 162 8.82 -7.69 -0.97
C GLU A 162 8.22 -6.39 -1.52
N LEU A 163 8.00 -6.32 -2.83
CA LEU A 163 7.40 -5.10 -3.37
C LEU A 163 6.00 -4.88 -2.79
N PRO A 164 5.17 -5.96 -2.71
CA PRO A 164 3.89 -5.77 -2.01
C PRO A 164 4.04 -5.26 -0.56
N ALA A 165 4.99 -5.82 0.21
CA ALA A 165 5.22 -5.35 1.58
C ALA A 165 5.61 -3.87 1.61
N MET A 166 6.50 -3.48 0.71
CA MET A 166 6.94 -2.09 0.69
CA MET A 166 6.97 -2.11 0.65
C MET A 166 5.82 -1.15 0.29
N THR A 167 4.99 -1.59 -0.65
CA THR A 167 3.81 -0.84 -1.06
C THR A 167 2.88 -0.62 0.15
N LEU A 168 2.61 -1.69 0.89
CA LEU A 168 1.76 -1.60 2.08
C LEU A 168 2.36 -0.64 3.10
N ILE A 169 3.66 -0.77 3.37
CA ILE A 169 4.31 0.10 4.35
C ILE A 169 4.19 1.57 3.95
N ASP A 170 4.46 1.86 2.68
CA ASP A 170 4.37 3.23 2.19
C ASP A 170 2.94 3.77 2.35
N ALA A 171 1.96 2.95 1.98
CA ALA A 171 0.56 3.36 2.05
C ALA A 171 0.13 3.65 3.49
N VAL A 172 0.49 2.78 4.43
CA VAL A 172 0.11 3.00 5.83
C VAL A 172 0.92 4.12 6.48
N ALA A 173 2.17 4.31 6.05
CA ALA A 173 3.02 5.36 6.62
C ALA A 173 2.41 6.75 6.46
N ARG A 174 1.63 6.94 5.42
CA ARG A 174 0.99 8.23 5.17
C ARG A 174 -0.01 8.61 6.28
N PHE A 175 -0.39 7.64 7.09
CA PHE A 175 -1.37 7.87 8.17
C PHE A 175 -0.74 8.12 9.54
N ILE A 176 0.57 7.93 9.63
CA ILE A 176 1.29 8.22 10.88
C ILE A 176 1.41 9.72 11.03
N PRO A 177 0.98 10.26 12.18
CA PRO A 177 1.05 11.71 12.42
C PRO A 177 2.48 12.22 12.24
N GLY A 178 2.64 13.29 11.48
CA GLY A 178 3.95 13.89 11.32
C GLY A 178 4.67 13.46 10.05
N VAL A 179 4.22 12.37 9.44
CA VAL A 179 4.86 11.87 8.23
C VAL A 179 4.52 12.79 7.06
N LEU A 180 3.26 13.21 6.98
CA LEU A 180 2.83 14.18 5.97
C LEU A 180 2.54 15.54 6.60
N GLY A 181 2.41 16.58 5.78
CA GLY A 181 1.99 17.88 6.25
C GLY A 181 0.48 18.04 6.15
N ALA A 184 -8.03 5.80 -6.38
CA ALA A 184 -8.16 5.27 -5.02
C ALA A 184 -9.59 5.42 -4.51
N SER A 185 -9.78 5.21 -3.20
CA SER A 185 -11.12 5.20 -2.63
C SER A 185 -11.20 5.77 -1.21
N ALA A 186 -12.23 5.36 -0.47
CA ALA A 186 -12.54 5.93 0.84
C ALA A 186 -11.66 5.37 1.96
N SER A 190 -15.21 19.75 -1.78
CA SER A 190 -14.78 18.94 -0.64
C SER A 190 -15.62 17.66 -0.49
N PHE A 191 -15.35 16.91 0.57
CA PHE A 191 -15.90 15.56 0.76
C PHE A 191 -15.59 14.68 -0.45
N ALA A 192 -14.41 14.88 -1.02
CA ALA A 192 -14.01 14.22 -2.26
C ALA A 192 -13.36 12.85 -2.05
N ASP A 193 -13.31 12.38 -0.81
CA ASP A 193 -12.79 11.05 -0.52
C ASP A 193 -13.59 10.01 -1.30
N GLY A 194 -12.89 9.15 -2.05
CA GLY A 194 -13.57 8.19 -2.90
C GLY A 194 -13.49 8.53 -4.38
N LEU A 195 -13.19 9.80 -4.68
CA LEU A 195 -13.08 10.24 -6.09
C LEU A 195 -11.63 10.25 -6.56
N LEU A 196 -11.43 10.12 -7.86
CA LEU A 196 -10.11 10.33 -8.46
C LEU A 196 -9.65 11.77 -8.23
N ASP A 197 -8.33 11.96 -8.20
CA ASP A 197 -7.74 13.29 -8.02
C ASP A 197 -8.06 14.19 -9.22
N CYS A 198 -8.07 15.50 -8.97
CA CYS A 198 -8.32 16.49 -10.03
C CYS A 198 -7.01 16.83 -10.76
N PRO A 199 -7.10 17.50 -11.93
CA PRO A 199 -5.88 17.94 -12.61
C PRO A 199 -5.14 19.00 -11.81
N HIS A 200 -3.82 19.03 -11.96
CA HIS A 200 -2.95 19.98 -11.30
C HIS A 200 -2.14 20.77 -12.31
N TYR A 201 -1.87 22.03 -11.99
CA TYR A 201 -1.09 22.89 -12.88
C TYR A 201 -0.06 23.67 -12.10
N THR A 202 1.12 23.85 -12.69
CA THR A 202 2.13 24.74 -12.15
C THR A 202 2.76 25.53 -13.30
N ARG A 203 3.81 26.29 -13.02
CA ARG A 203 4.44 27.14 -14.03
C ARG A 203 4.96 26.27 -15.17
N PRO A 204 4.98 26.80 -16.41
CA PRO A 204 4.60 28.15 -16.84
C PRO A 204 3.12 28.30 -17.15
N GLU A 205 2.67 29.54 -17.27
CA GLU A 205 1.29 29.81 -17.59
C GLU A 205 0.86 29.19 -18.93
N VAL A 206 1.78 29.16 -19.89
CA VAL A 206 1.51 28.54 -21.19
C VAL A 206 2.59 27.49 -21.51
N LEU A 207 2.15 26.27 -21.79
CA LEU A 207 3.07 25.16 -22.04
C LEU A 207 2.66 24.39 -23.29
N GLU A 208 3.49 24.47 -24.32
CA GLU A 208 3.19 23.84 -25.61
C GLU A 208 1.84 24.29 -26.16
N GLY A 209 1.56 25.58 -26.03
CA GLY A 209 0.29 26.14 -26.50
C GLY A 209 -0.88 25.91 -25.57
N LEU A 210 -0.64 25.15 -24.51
CA LEU A 210 -1.70 24.81 -23.57
C LEU A 210 -1.69 25.76 -22.37
N THR A 211 -2.84 26.37 -22.09
CA THR A 211 -2.94 27.37 -21.05
C THR A 211 -3.50 26.76 -19.76
N VAL A 212 -3.19 27.39 -18.64
CA VAL A 212 -3.78 26.98 -17.37
C VAL A 212 -5.23 27.47 -17.36
N PRO A 213 -6.16 26.64 -16.88
CA PRO A 213 -7.55 27.13 -16.74
C PRO A 213 -7.63 28.43 -15.96
N PRO A 214 -8.24 29.47 -16.54
CA PRO A 214 -8.31 30.79 -15.90
C PRO A 214 -8.85 30.78 -14.47
N VAL A 215 -9.78 29.88 -14.13
CA VAL A 215 -10.30 29.83 -12.75
C VAL A 215 -9.17 29.67 -11.73
N LEU A 216 -8.15 28.89 -12.10
CA LEU A 216 -7.03 28.66 -11.20
C LEU A 216 -6.19 29.91 -10.97
N MET A 217 -6.34 30.91 -11.84
CA MET A 217 -5.60 32.17 -11.70
CA MET A 217 -5.62 32.18 -11.73
C MET A 217 -6.49 33.26 -11.09
N SER A 218 -7.79 32.97 -10.96
CA SER A 218 -8.78 33.95 -10.53
C SER A 218 -8.59 34.46 -9.10
N GLY A 219 -7.94 33.65 -8.27
CA GLY A 219 -7.83 33.98 -6.86
C GLY A 219 -9.14 33.76 -6.11
N HIS A 220 -10.13 33.19 -6.79
CA HIS A 220 -11.43 32.97 -6.18
C HIS A 220 -11.51 31.58 -5.56
N HIS A 221 -11.26 31.53 -4.25
CA HIS A 221 -11.09 30.27 -3.54
C HIS A 221 -12.27 29.31 -3.67
N GLU A 222 -13.48 29.85 -3.64
CA GLU A 222 -14.67 29.00 -3.74
C GLU A 222 -14.89 28.46 -5.15
N GLU A 223 -14.71 29.31 -6.17
CA GLU A 223 -14.78 28.84 -7.55
C GLU A 223 -13.73 27.77 -7.83
N ILE A 224 -12.54 27.95 -7.27
CA ILE A 224 -11.45 27.00 -7.47
C ILE A 224 -11.79 25.65 -6.81
N ARG A 225 -12.33 25.72 -5.60
CA ARG A 225 -12.71 24.51 -4.87
C ARG A 225 -13.75 23.73 -5.66
N LYS A 226 -14.76 24.43 -6.15
CA LYS A 226 -15.82 23.78 -6.90
C LYS A 226 -15.32 23.23 -8.24
N TRP A 227 -14.41 23.94 -8.91
CA TRP A 227 -13.82 23.45 -10.14
C TRP A 227 -13.09 22.12 -9.91
N ARG A 228 -12.27 22.10 -8.87
CA ARG A 228 -11.51 20.89 -8.56
C ARG A 228 -12.43 19.71 -8.24
N LEU A 229 -13.47 19.96 -7.46
CA LEU A 229 -14.42 18.92 -7.10
C LEU A 229 -15.15 18.43 -8.35
N LYS A 230 -15.60 19.37 -9.18
CA LYS A 230 -16.27 19.02 -10.43
C LYS A 230 -15.36 18.17 -11.34
N GLN A 231 -14.09 18.59 -11.46
CA GLN A 231 -13.12 17.82 -12.25
C GLN A 231 -12.95 16.40 -11.71
N SER A 232 -12.85 16.26 -10.39
CA SER A 232 -12.74 14.93 -9.77
C SER A 232 -13.98 14.08 -10.05
N LEU A 233 -15.16 14.69 -9.95
CA LEU A 233 -16.40 13.97 -10.26
C LEU A 233 -16.43 13.54 -11.73
N GLN A 234 -16.09 14.46 -12.63
CA GLN A 234 -16.08 14.17 -14.06
C GLN A 234 -15.09 13.06 -14.40
N ARG A 235 -13.88 13.15 -13.87
CA ARG A 235 -12.84 12.16 -14.12
C ARG A 235 -13.25 10.78 -13.58
N THR A 236 -13.86 10.75 -12.41
CA THR A 236 -14.30 9.47 -11.84
C THR A 236 -15.41 8.86 -12.68
N TRP A 237 -16.36 9.69 -13.08
CA TRP A 237 -17.44 9.25 -13.97
C TRP A 237 -16.93 8.67 -15.28
N LEU A 238 -15.99 9.36 -15.92
CA LEU A 238 -15.49 8.93 -17.22
C LEU A 238 -14.56 7.71 -17.16
N ARG A 239 -13.69 7.65 -16.15
CA ARG A 239 -12.67 6.61 -16.07
C ARG A 239 -13.04 5.43 -15.19
N ARG A 240 -13.77 5.71 -14.12
CA ARG A 240 -14.06 4.68 -13.11
C ARG A 240 -15.50 4.80 -12.60
N PRO A 241 -16.48 4.68 -13.49
CA PRO A 241 -17.87 4.97 -13.11
C PRO A 241 -18.37 4.06 -11.98
N GLU A 242 -17.79 2.87 -11.85
CA GLU A 242 -18.18 1.96 -10.80
C GLU A 242 -17.87 2.53 -9.41
N LEU A 243 -16.83 3.35 -9.30
CA LEU A 243 -16.51 3.97 -8.01
C LEU A 243 -17.62 4.92 -7.53
N LEU A 244 -18.25 5.62 -8.47
CA LEU A 244 -19.34 6.56 -8.16
C LEU A 244 -20.53 5.86 -7.51
N GLU A 245 -20.80 4.63 -7.93
CA GLU A 245 -21.91 3.85 -7.40
C GLU A 245 -21.73 3.48 -5.93
N GLY A 246 -20.48 3.48 -5.47
CA GLY A 246 -20.19 3.15 -4.08
C GLY A 246 -20.32 4.34 -3.16
N LEU A 247 -20.62 5.51 -3.74
CA LEU A 247 -20.65 6.74 -2.95
C LEU A 247 -22.05 7.27 -2.76
N ALA A 248 -22.28 7.93 -1.63
CA ALA A 248 -23.47 8.73 -1.40
C ALA A 248 -23.09 10.18 -1.62
N LEU A 249 -23.28 10.66 -2.85
CA LEU A 249 -22.87 12.01 -3.20
C LEU A 249 -23.63 13.07 -2.40
N THR A 250 -22.92 14.13 -2.01
CA THR A 250 -23.56 15.29 -1.37
C THR A 250 -24.42 16.01 -2.42
N ASP A 251 -25.32 16.89 -1.95
CA ASP A 251 -26.13 17.69 -2.88
C ASP A 251 -25.26 18.44 -3.87
N GLU A 252 -24.19 19.04 -3.36
CA GLU A 252 -23.26 19.80 -4.19
C GLU A 252 -22.60 18.90 -5.22
N GLN A 253 -22.18 17.71 -4.79
CA GLN A 253 -21.56 16.77 -5.72
C GLN A 253 -22.53 16.31 -6.80
N ARG A 254 -23.77 16.03 -6.42
CA ARG A 254 -24.81 15.66 -7.41
C ARG A 254 -24.97 16.74 -8.47
N LYS A 255 -25.02 18.01 -8.01
CA LYS A 255 -25.15 19.13 -8.92
C LYS A 255 -23.96 19.26 -9.87
N LEU A 256 -22.74 19.21 -9.33
CA LEU A 256 -21.55 19.40 -10.14
C LEU A 256 -21.37 18.25 -11.14
N LEU A 257 -21.69 17.03 -10.71
CA LEU A 257 -21.65 15.88 -11.60
C LEU A 257 -22.64 16.04 -12.75
N LYS A 258 -23.87 16.46 -12.44
CA LYS A 258 -24.87 16.71 -13.48
C LYS A 258 -24.37 17.76 -14.47
N GLU A 259 -23.76 18.83 -13.96
CA GLU A 259 -23.20 19.88 -14.83
C GLU A 259 -22.15 19.30 -15.77
N ALA A 260 -21.22 18.52 -15.21
CA ALA A 260 -20.17 17.88 -16.02
C ALA A 260 -20.74 16.96 -17.09
N GLN A 261 -21.74 16.16 -16.71
CA GLN A 261 -22.39 15.25 -17.66
C GLN A 261 -23.12 16.01 -18.77
N ALA A 262 -23.78 17.10 -18.42
CA ALA A 262 -24.46 17.94 -19.41
C ALA A 262 -23.46 18.56 -20.40
N GLU A 263 -22.33 19.02 -19.87
CA GLU A 263 -21.28 19.61 -20.70
C GLU A 263 -20.65 18.57 -21.60
N HIS A 264 -20.48 17.36 -21.06
CA HIS A 264 -19.94 16.27 -21.84
C HIS A 264 -20.88 15.91 -22.98
N ASN A 265 -22.18 16.01 -22.72
CA ASN A 265 -23.19 15.69 -23.71
C ASN A 265 -23.43 16.81 -24.72
N SER A 266 -22.88 17.99 -24.45
CA SER A 266 -23.15 19.16 -25.30
C SER A 266 -22.17 19.28 -26.47
C4 4GZ B . -0.26 -18.50 -10.05
C5 4GZ B . 0.60 -18.28 -9.00
C18 4GZ B . 2.23 -10.90 -3.72
C3 4GZ B . -1.46 -17.84 -10.13
C17 4GZ B . 3.26 -11.79 -3.94
C7 4GZ B . -0.97 -16.71 -8.08
C20 4GZ B . 1.94 -10.78 -6.07
C6 4GZ B . 0.24 -17.38 -8.02
C19 4GZ B . 1.54 -10.39 -4.81
C2 4GZ B . -1.82 -16.95 -9.13
C16 4GZ B . 3.60 -12.14 -5.24
C8 4GZ B . 1.12 -17.11 -6.88
C22 4GZ B . 0.41 -9.46 -4.62
C27 4GZ B . 4.71 -16.12 -1.69
C26 4GZ B . 5.88 -16.11 -2.65
C28 4GZ B . 3.75 -15.02 -2.10
C25 4GZ B . 5.38 -16.38 -4.06
C29 4GZ B . 3.28 -15.24 -3.53
C13 4GZ B . 4.42 -15.31 -4.52
C1 4GZ B . -3.11 -16.22 -9.21
C12 4GZ B . 3.88 -15.65 -5.89
C14 4GZ B . 5.12 -13.95 -4.53
C11 4GZ B . 3.41 -17.11 -5.98
N21 4GZ B . 2.95 -11.62 -6.31
N23 4GZ B . -0.35 -9.29 -5.75
N15 4GZ B . 4.65 -13.04 -5.56
N10 4GZ B . 2.47 -17.30 -7.08
O9 4GZ B . 0.60 -16.73 -5.83
O24 4GZ B . 0.17 -8.95 -3.54
#